data_7F8A
#
_entry.id   7F8A
#
_cell.length_a   77.663
_cell.length_b   77.663
_cell.length_c   101.116
_cell.angle_alpha   90.000
_cell.angle_beta   90.000
_cell.angle_gamma   90.000
#
_symmetry.space_group_name_H-M   'P 42 21 2'
#
loop_
_entity.id
_entity.type
_entity.pdbx_description
1 polymer Erm(38)
2 water water
#
_entity_poly.entity_id   1
_entity_poly.type   'polypeptide(L)'
_entity_poly.pdbx_seq_one_letter_code
;MSTPHHGRHELGQNFLSDRRVIADIVEIVSRTNGPIIEIGAGDGALTIPLQRLARPLTAVEVDARRARRLAQRTARSAPG
PASRPTEVVAADFLRYPLPRSPHVVVGNLPFHLTTAILRRLLHGPGWTTAVLLMQWEVARRRAAVGGATMMTAQWWPWFE
FGLARKVSAASFTPRPAVDAGLLTITRRSRPLVDVADRARYQALVHRVFTGRGHGMAQILQRLPTPVPRTWLRANGIAPN
SLPRQLSAAQWAALFEQTRLT
;
_entity_poly.pdbx_strand_id   A
#
# COMPACT_ATOMS: atom_id res chain seq x y z
N GLN A 13 -18.06 -2.38 -1.87
CA GLN A 13 -18.45 -2.14 -3.27
C GLN A 13 -18.33 -3.46 -4.07
N ASN A 14 -17.10 -3.97 -4.28
CA ASN A 14 -16.93 -5.24 -4.97
C ASN A 14 -16.42 -6.19 -3.92
N PHE A 15 -17.35 -7.03 -3.42
CA PHE A 15 -17.09 -7.97 -2.36
C PHE A 15 -16.33 -9.16 -2.90
N LEU A 16 -15.40 -9.65 -2.12
CA LEU A 16 -14.58 -10.77 -2.50
C LEU A 16 -15.34 -12.05 -2.30
N SER A 17 -15.60 -12.78 -3.39
CA SER A 17 -16.33 -14.04 -3.34
C SER A 17 -15.48 -15.30 -3.61
N ASP A 18 -14.23 -15.14 -4.04
CA ASP A 18 -13.37 -16.28 -4.37
C ASP A 18 -12.63 -16.71 -3.14
N ARG A 19 -12.98 -17.89 -2.60
CA ARG A 19 -12.31 -18.36 -1.38
C ARG A 19 -10.83 -18.59 -1.55
N ARG A 20 -10.36 -18.83 -2.78
CA ARG A 20 -8.93 -19.05 -2.99
C ARG A 20 -8.17 -17.74 -2.73
N VAL A 21 -8.77 -16.59 -3.07
CA VAL A 21 -8.11 -15.28 -2.83
C VAL A 21 -8.08 -15.06 -1.31
N ILE A 22 -9.17 -15.38 -0.60
CA ILE A 22 -9.23 -15.29 0.86
C ILE A 22 -8.14 -16.13 1.50
N ALA A 23 -7.94 -17.37 0.99
CA ALA A 23 -6.87 -18.24 1.47
C ALA A 23 -5.49 -17.58 1.26
N ASP A 24 -5.28 -16.97 0.10
CA ASP A 24 -4.00 -16.35 -0.24
C ASP A 24 -3.70 -15.13 0.64
N ILE A 25 -4.73 -14.35 0.97
CA ILE A 25 -4.56 -13.17 1.82
C ILE A 25 -4.27 -13.62 3.23
N VAL A 26 -5.06 -14.60 3.73
CA VAL A 26 -4.82 -15.13 5.08
C VAL A 26 -3.41 -15.72 5.19
N GLU A 27 -2.93 -16.42 4.14
CA GLU A 27 -1.56 -16.95 4.12
C GLU A 27 -0.52 -15.82 4.35
N ILE A 28 -0.66 -14.72 3.63
CA ILE A 28 0.28 -13.59 3.74
C ILE A 28 0.20 -12.95 5.13
N VAL A 29 -1.03 -12.64 5.57
CA VAL A 29 -1.24 -12.03 6.87
C VAL A 29 -0.71 -12.93 8.00
N SER A 30 -0.84 -14.26 7.84
CA SER A 30 -0.37 -15.19 8.88
C SER A 30 1.12 -15.14 9.12
N ARG A 31 1.91 -14.68 8.15
CA ARG A 31 3.36 -14.56 8.34
C ARG A 31 3.77 -13.25 9.01
N THR A 32 2.81 -12.37 9.35
CA THR A 32 3.10 -11.12 10.04
C THR A 32 2.75 -11.33 11.52
N ASN A 33 3.08 -10.37 12.39
CA ASN A 33 2.77 -10.46 13.82
C ASN A 33 2.03 -9.21 14.28
N GLY A 34 1.32 -9.33 15.38
CA GLY A 34 0.66 -8.20 16.02
C GLY A 34 -0.80 -8.02 15.66
N PRO A 35 -1.40 -6.95 16.21
CA PRO A 35 -2.81 -6.66 15.90
C PRO A 35 -3.05 -6.38 14.42
N ILE A 36 -4.30 -6.60 13.99
CA ILE A 36 -4.73 -6.40 12.62
C ILE A 36 -5.88 -5.41 12.53
N ILE A 37 -5.86 -4.54 11.52
CA ILE A 37 -6.95 -3.63 11.24
C ILE A 37 -7.37 -3.91 9.82
N GLU A 38 -8.63 -4.22 9.63
CA GLU A 38 -9.18 -4.49 8.31
C GLU A 38 -10.08 -3.37 7.82
N ILE A 39 -9.85 -2.90 6.58
CA ILE A 39 -10.62 -1.86 5.87
C ILE A 39 -11.58 -2.56 4.90
N GLY A 40 -12.79 -2.02 4.75
CA GLY A 40 -13.73 -2.56 3.76
C GLY A 40 -14.17 -3.95 4.15
N ALA A 41 -14.47 -4.13 5.44
CA ALA A 41 -14.77 -5.46 5.99
C ALA A 41 -16.03 -6.11 5.42
N GLY A 42 -16.96 -5.30 4.93
CA GLY A 42 -18.17 -5.79 4.28
C GLY A 42 -18.96 -6.74 5.14
N ASP A 43 -19.23 -7.94 4.62
CA ASP A 43 -19.97 -8.95 5.38
C ASP A 43 -19.07 -9.89 6.19
N GLY A 44 -17.76 -9.70 6.11
CA GLY A 44 -16.82 -10.50 6.86
C GLY A 44 -16.14 -11.58 6.05
N ALA A 45 -16.06 -11.44 4.69
CA ALA A 45 -15.39 -12.43 3.84
C ALA A 45 -13.95 -12.68 4.29
N LEU A 46 -13.23 -11.61 4.70
CA LEU A 46 -11.88 -11.75 5.24
C LEU A 46 -11.88 -11.68 6.76
N THR A 47 -12.80 -10.91 7.37
CA THR A 47 -12.82 -10.77 8.84
C THR A 47 -12.91 -12.11 9.59
N ILE A 48 -13.87 -12.98 9.22
CA ILE A 48 -14.06 -14.25 9.92
C ILE A 48 -12.79 -15.13 9.82
N PRO A 49 -12.22 -15.36 8.63
CA PRO A 49 -10.95 -16.09 8.53
C PRO A 49 -9.78 -15.44 9.30
N LEU A 50 -9.64 -14.08 9.24
CA LEU A 50 -8.58 -13.41 10.01
C LEU A 50 -8.80 -13.59 11.51
N GLN A 51 -10.05 -13.62 11.98
CA GLN A 51 -10.32 -13.80 13.42
C GLN A 51 -9.75 -15.14 13.94
N ARG A 52 -9.74 -16.17 13.07
CA ARG A 52 -9.18 -17.48 13.38
C ARG A 52 -7.67 -17.49 13.56
N LEU A 53 -6.95 -16.41 13.17
CA LEU A 53 -5.52 -16.31 13.43
C LEU A 53 -5.27 -16.04 14.94
N ALA A 54 -6.33 -15.75 15.74
CA ALA A 54 -6.26 -15.55 17.21
C ALA A 54 -5.47 -14.33 17.62
N ARG A 55 -5.36 -13.32 16.75
CA ARG A 55 -4.66 -12.08 17.08
C ARG A 55 -5.69 -10.98 17.26
N PRO A 56 -5.38 -9.87 17.98
CA PRO A 56 -6.38 -8.79 18.10
C PRO A 56 -6.74 -8.24 16.73
N LEU A 57 -8.02 -8.00 16.48
CA LEU A 57 -8.53 -7.58 15.19
C LEU A 57 -9.58 -6.49 15.31
N THR A 58 -9.46 -5.46 14.48
CA THR A 58 -10.42 -4.39 14.36
C THR A 58 -10.91 -4.41 12.92
N ALA A 59 -12.22 -4.42 12.72
CA ALA A 59 -12.80 -4.48 11.39
C ALA A 59 -13.60 -3.22 11.13
N VAL A 60 -13.27 -2.51 10.07
CA VAL A 60 -13.91 -1.24 9.74
C VAL A 60 -14.84 -1.38 8.53
N GLU A 61 -16.12 -1.04 8.72
CA GLU A 61 -17.09 -1.10 7.65
C GLU A 61 -17.89 0.22 7.69
N VAL A 62 -17.99 0.92 6.57
CA VAL A 62 -18.65 2.23 6.48
C VAL A 62 -20.19 2.15 6.55
N ASP A 63 -20.81 1.04 6.13
CA ASP A 63 -22.27 0.90 6.18
C ASP A 63 -22.65 0.41 7.57
N ALA A 64 -23.27 1.28 8.41
CA ALA A 64 -23.65 0.94 9.79
C ALA A 64 -24.54 -0.29 9.90
N ARG A 65 -25.50 -0.45 8.99
CA ARG A 65 -26.38 -1.63 9.03
C ARG A 65 -25.55 -2.90 8.77
N ARG A 66 -24.69 -2.86 7.75
CA ARG A 66 -23.83 -3.99 7.44
C ARG A 66 -22.83 -4.24 8.59
N ALA A 67 -22.30 -3.19 9.21
CA ALA A 67 -21.37 -3.32 10.33
C ALA A 67 -22.02 -3.95 11.52
N ARG A 68 -23.30 -3.60 11.78
CA ARG A 68 -24.03 -4.21 12.91
C ARG A 68 -24.19 -5.72 12.66
N ARG A 69 -24.48 -6.11 11.44
CA ARG A 69 -24.62 -7.52 11.02
C ARG A 69 -23.27 -8.25 11.15
N LEU A 70 -22.18 -7.57 10.79
CA LEU A 70 -20.82 -8.14 10.90
C LEU A 70 -20.46 -8.36 12.36
N ALA A 71 -20.83 -7.42 13.24
CA ALA A 71 -20.55 -7.58 14.67
C ALA A 71 -21.24 -8.83 15.24
N GLN A 72 -22.44 -9.14 14.74
CA GLN A 72 -23.16 -10.34 15.18
C GLN A 72 -22.41 -11.58 14.66
N ARG A 73 -22.00 -11.55 13.39
CA ARG A 73 -21.27 -12.66 12.78
C ARG A 73 -19.94 -12.94 13.49
N THR A 74 -19.13 -11.89 13.75
CA THR A 74 -17.84 -12.09 14.41
C THR A 74 -18.04 -12.63 15.82
N ALA A 75 -19.00 -12.07 16.57
CA ALA A 75 -19.29 -12.52 17.94
C ALA A 75 -19.71 -13.98 17.97
N ARG A 76 -20.56 -14.40 17.02
CA ARG A 76 -21.05 -15.79 16.95
C ARG A 76 -19.93 -16.79 16.69
N SER A 77 -18.97 -16.42 15.85
CA SER A 77 -17.84 -17.32 15.56
C SER A 77 -16.65 -17.15 16.51
N ALA A 78 -16.69 -16.13 17.40
CA ALA A 78 -15.62 -15.88 18.37
C ALA A 78 -15.75 -16.83 19.54
N PRO A 79 -14.64 -17.12 20.24
CA PRO A 79 -14.71 -17.98 21.45
C PRO A 79 -15.86 -17.63 22.41
N GLY A 80 -16.12 -16.35 22.62
CA GLY A 80 -17.23 -15.93 23.46
C GLY A 80 -17.06 -14.54 24.03
N PRO A 81 -18.04 -14.08 24.82
CA PRO A 81 -17.95 -12.74 25.44
C PRO A 81 -16.64 -12.47 26.19
N ALA A 82 -16.03 -13.49 26.80
CA ALA A 82 -14.78 -13.34 27.53
C ALA A 82 -13.52 -13.28 26.64
N SER A 83 -13.65 -13.65 25.36
CA SER A 83 -12.49 -13.66 24.45
C SER A 83 -12.87 -13.41 22.99
N PRO A 85 -11.54 -10.73 21.45
CA PRO A 85 -12.78 -10.48 20.70
C PRO A 85 -12.67 -9.29 19.74
N THR A 86 -12.83 -9.57 18.44
CA THR A 86 -12.79 -8.60 17.35
C THR A 86 -13.69 -7.39 17.61
N GLU A 87 -13.16 -6.21 17.34
CA GLU A 87 -13.94 -5.00 17.46
C GLU A 87 -14.41 -4.59 16.08
N VAL A 88 -15.73 -4.49 15.87
CA VAL A 88 -16.28 -4.02 14.62
C VAL A 88 -16.63 -2.53 14.77
N VAL A 89 -16.11 -1.70 13.86
CA VAL A 89 -16.27 -0.26 13.91
C VAL A 89 -17.02 0.19 12.69
N ALA A 90 -18.13 0.91 12.88
CA ALA A 90 -18.87 1.47 11.78
C ALA A 90 -18.26 2.85 11.54
N ALA A 91 -17.34 2.96 10.58
CA ALA A 91 -16.66 4.23 10.31
C ALA A 91 -16.12 4.31 8.88
N ASP A 92 -15.83 5.54 8.41
CA ASP A 92 -15.16 5.73 7.13
C ASP A 92 -13.66 5.60 7.46
N PHE A 93 -12.92 4.73 6.76
CA PHE A 93 -11.48 4.57 7.04
C PHE A 93 -10.68 5.89 6.86
N LEU A 94 -11.14 6.74 5.94
CA LEU A 94 -10.49 8.02 5.68
C LEU A 94 -10.53 8.96 6.91
N ARG A 95 -11.43 8.70 7.88
CA ARG A 95 -11.55 9.45 9.15
C ARG A 95 -11.08 8.61 10.36
N TYR A 96 -10.69 7.36 10.15
CA TYR A 96 -10.28 6.46 11.21
C TYR A 96 -8.86 6.75 11.70
N PRO A 97 -8.70 7.01 13.00
CA PRO A 97 -7.35 7.25 13.53
C PRO A 97 -6.58 5.95 13.77
N LEU A 98 -5.48 5.78 13.05
CA LEU A 98 -4.66 4.58 13.19
C LEU A 98 -3.84 4.66 14.45
N PRO A 99 -3.71 3.54 15.20
CA PRO A 99 -2.82 3.58 16.38
C PRO A 99 -1.37 3.84 15.99
N ARG A 100 -0.60 4.42 16.92
CA ARG A 100 0.83 4.69 16.67
C ARG A 100 1.72 3.48 16.99
N SER A 101 1.12 2.41 17.54
CA SER A 101 1.78 1.17 17.92
C SER A 101 1.77 0.19 16.72
N PRO A 102 2.66 -0.80 16.72
CA PRO A 102 2.71 -1.73 15.58
C PRO A 102 1.41 -2.50 15.34
N HIS A 103 1.03 -2.57 14.07
CA HIS A 103 -0.13 -3.32 13.62
C HIS A 103 0.02 -3.61 12.12
N VAL A 104 -0.86 -4.45 11.58
CA VAL A 104 -0.85 -4.83 10.18
C VAL A 104 -2.20 -4.42 9.63
N VAL A 105 -2.24 -3.88 8.41
CA VAL A 105 -3.48 -3.44 7.80
C VAL A 105 -3.83 -4.40 6.66
N VAL A 106 -5.10 -4.77 6.56
CA VAL A 106 -5.56 -5.64 5.48
C VAL A 106 -6.82 -5.02 4.91
N GLY A 107 -6.93 -4.94 3.59
CA GLY A 107 -8.11 -4.30 3.01
C GLY A 107 -8.47 -4.68 1.61
N ASN A 108 -9.76 -4.62 1.34
CA ASN A 108 -10.31 -4.79 0.00
C ASN A 108 -10.81 -3.38 -0.31
N LEU A 109 -10.06 -2.62 -1.11
CA LEU A 109 -10.34 -1.20 -1.32
C LEU A 109 -11.33 -0.90 -2.45
N PRO A 110 -12.29 0.03 -2.24
CA PRO A 110 -13.15 0.45 -3.36
C PRO A 110 -12.27 1.12 -4.39
N PHE A 111 -12.39 0.71 -5.63
CA PHE A 111 -11.53 1.12 -6.72
C PHE A 111 -11.46 2.64 -6.93
N HIS A 112 -12.56 3.37 -6.72
CA HIS A 112 -12.56 4.84 -6.87
C HIS A 112 -11.88 5.56 -5.69
N LEU A 113 -11.68 4.86 -4.55
CA LEU A 113 -11.01 5.46 -3.41
C LEU A 113 -9.60 4.93 -3.16
N THR A 114 -9.05 4.11 -4.06
CA THR A 114 -7.73 3.52 -3.88
C THR A 114 -6.61 4.55 -3.58
N THR A 115 -6.46 5.59 -4.40
CA THR A 115 -5.38 6.56 -4.22
C THR A 115 -5.54 7.34 -2.94
N ALA A 116 -6.79 7.69 -2.58
CA ALA A 116 -7.03 8.41 -1.33
C ALA A 116 -6.72 7.55 -0.12
N ILE A 117 -7.15 6.25 -0.14
CA ILE A 117 -6.84 5.37 0.98
C ILE A 117 -5.34 5.13 1.06
N LEU A 118 -4.67 4.93 -0.09
CA LEU A 118 -3.21 4.70 -0.08
C LEU A 118 -2.47 5.90 0.52
N ARG A 119 -2.89 7.13 0.16
CA ARG A 119 -2.23 8.32 0.72
C ARG A 119 -2.43 8.43 2.19
N ARG A 120 -3.66 8.12 2.65
CA ARG A 120 -3.99 8.12 4.08
C ARG A 120 -3.10 7.13 4.82
N LEU A 121 -2.92 5.91 4.28
CA LEU A 121 -2.04 4.91 4.91
C LEU A 121 -0.58 5.32 4.87
N LEU A 122 -0.10 5.77 3.72
CA LEU A 122 1.33 6.12 3.57
C LEU A 122 1.76 7.27 4.48
N HIS A 123 0.84 8.21 4.78
CA HIS A 123 1.12 9.29 5.75
C HIS A 123 0.87 8.88 7.20
N GLY A 124 0.22 7.73 7.42
CA GLY A 124 -0.16 7.25 8.74
C GLY A 124 0.91 6.52 9.53
N PRO A 125 0.67 6.40 10.84
CA PRO A 125 1.67 5.76 11.71
C PRO A 125 1.42 4.29 12.01
N GLY A 126 2.34 3.70 12.76
CA GLY A 126 2.25 2.37 13.36
C GLY A 126 2.27 1.13 12.51
N TRP A 127 1.50 1.09 11.43
CA TRP A 127 1.40 -0.11 10.62
C TRP A 127 2.72 -0.50 10.00
N THR A 128 3.07 -1.77 10.05
CA THR A 128 4.34 -2.28 9.53
C THR A 128 4.20 -3.04 8.21
N THR A 129 3.00 -3.63 7.96
CA THR A 129 2.70 -4.30 6.72
C THR A 129 1.25 -3.96 6.35
N ALA A 130 0.97 -3.72 5.04
CA ALA A 130 -0.37 -3.57 4.52
C ALA A 130 -0.56 -4.66 3.45
N VAL A 131 -1.72 -5.32 3.42
CA VAL A 131 -2.02 -6.33 2.40
C VAL A 131 -3.31 -5.84 1.79
N LEU A 132 -3.28 -5.35 0.54
CA LEU A 132 -4.41 -4.62 -0.03
C LEU A 132 -4.84 -5.11 -1.38
N LEU A 133 -6.15 -5.23 -1.58
CA LEU A 133 -6.70 -5.59 -2.87
C LEU A 133 -7.16 -4.30 -3.55
N MET A 134 -6.73 -4.08 -4.80
CA MET A 134 -7.09 -2.87 -5.53
C MET A 134 -7.10 -3.16 -7.05
N GLN A 135 -7.26 -2.14 -7.91
CA GLN A 135 -7.20 -2.35 -9.37
C GLN A 135 -5.85 -2.88 -9.78
N TRP A 136 -5.84 -3.78 -10.75
CA TRP A 136 -4.62 -4.41 -11.21
C TRP A 136 -3.63 -3.38 -11.75
N GLU A 137 -4.12 -2.39 -12.50
CA GLU A 137 -3.22 -1.39 -13.07
C GLU A 137 -2.56 -0.53 -12.01
N VAL A 138 -3.30 -0.16 -10.94
CA VAL A 138 -2.75 0.58 -9.81
C VAL A 138 -1.74 -0.28 -9.06
N ALA A 139 -2.11 -1.56 -8.76
CA ALA A 139 -1.21 -2.43 -8.00
C ALA A 139 0.10 -2.65 -8.77
N ARG A 140 0.02 -2.86 -10.09
CA ARG A 140 1.20 -3.06 -10.94
C ARG A 140 2.15 -1.85 -10.85
N ARG A 141 1.57 -0.65 -10.94
CA ARG A 141 2.33 0.60 -10.87
C ARG A 141 2.95 0.84 -9.52
N ARG A 142 2.20 0.57 -8.44
CA ARG A 142 2.75 0.72 -7.09
C ARG A 142 3.91 -0.23 -6.87
N ALA A 143 3.82 -1.45 -7.38
CA ALA A 143 4.89 -2.43 -7.21
C ALA A 143 6.05 -2.24 -8.18
N ALA A 144 5.97 -1.26 -9.09
CA ALA A 144 6.97 -0.93 -10.11
C ALA A 144 7.14 -2.05 -11.16
N VAL A 145 6.03 -2.63 -11.63
CA VAL A 145 6.08 -3.66 -12.68
C VAL A 145 6.34 -2.94 -13.98
N GLY A 146 7.43 -3.30 -14.63
CA GLY A 146 7.85 -2.62 -15.85
C GLY A 146 8.52 -1.29 -15.58
N GLY A 147 8.88 -1.02 -14.33
CA GLY A 147 9.50 0.24 -13.95
C GLY A 147 8.66 1.02 -12.95
N ALA A 148 9.28 1.92 -12.20
CA ALA A 148 8.55 2.70 -11.20
C ALA A 148 7.86 3.89 -11.79
N THR A 149 6.77 4.31 -11.16
CA THR A 149 6.09 5.51 -11.54
C THR A 149 6.51 6.56 -10.49
N MET A 150 6.14 7.81 -10.71
CA MET A 150 6.46 8.91 -9.82
C MET A 150 5.98 8.65 -8.40
N MET A 151 4.71 8.21 -8.22
CA MET A 151 4.20 7.99 -6.87
C MET A 151 4.96 6.90 -6.10
N THR A 152 5.35 5.83 -6.79
CA THR A 152 6.13 4.77 -6.17
C THR A 152 7.50 5.33 -5.69
N ALA A 153 8.24 6.01 -6.59
CA ALA A 153 9.55 6.57 -6.23
C ALA A 153 9.42 7.60 -5.11
N GLN A 154 8.29 8.33 -5.05
CA GLN A 154 8.04 9.32 -4.01
C GLN A 154 7.94 8.75 -2.61
N TRP A 155 7.52 7.48 -2.52
CA TRP A 155 7.36 6.82 -1.23
C TRP A 155 8.42 5.78 -0.90
N TRP A 156 9.26 5.42 -1.88
CA TRP A 156 10.31 4.40 -1.70
C TRP A 156 11.28 4.57 -0.52
N PRO A 157 11.67 5.78 -0.06
CA PRO A 157 12.57 5.86 1.11
C PRO A 157 11.95 5.27 2.38
N TRP A 158 10.60 5.20 2.45
CA TRP A 158 9.93 4.76 3.65
C TRP A 158 9.24 3.41 3.51
N PHE A 159 8.93 2.98 2.31
CA PHE A 159 8.17 1.76 2.10
C PHE A 159 8.67 0.95 0.94
N GLU A 160 8.44 -0.38 1.00
CA GLU A 160 8.71 -1.30 -0.08
C GLU A 160 7.37 -1.87 -0.54
N PHE A 161 7.22 -2.11 -1.84
CA PHE A 161 5.95 -2.59 -2.40
C PHE A 161 6.14 -3.91 -3.15
N GLY A 162 5.23 -4.84 -2.96
CA GLY A 162 5.30 -6.14 -3.63
C GLY A 162 3.98 -6.52 -4.27
N LEU A 163 4.02 -7.05 -5.48
CA LEU A 163 2.82 -7.51 -6.16
C LEU A 163 2.70 -8.99 -5.85
N ALA A 164 1.77 -9.38 -4.96
CA ALA A 164 1.63 -10.79 -4.57
C ALA A 164 0.97 -11.64 -5.65
N ARG A 165 -0.10 -11.13 -6.29
CA ARG A 165 -0.79 -11.90 -7.31
C ARG A 165 -1.82 -11.07 -8.02
N LYS A 166 -2.21 -11.49 -9.23
CA LYS A 166 -3.30 -10.88 -9.97
C LYS A 166 -4.58 -11.55 -9.49
N VAL A 167 -5.68 -10.80 -9.48
CA VAL A 167 -6.96 -11.33 -9.06
C VAL A 167 -7.98 -10.96 -10.14
N SER A 168 -8.55 -11.94 -10.82
CA SER A 168 -9.52 -11.70 -11.87
C SER A 168 -10.76 -10.94 -11.35
N ALA A 169 -11.41 -10.14 -12.21
CA ALA A 169 -12.67 -9.50 -11.83
C ALA A 169 -13.74 -10.56 -11.47
N ALA A 170 -13.63 -11.82 -12.00
CA ALA A 170 -14.55 -12.93 -11.68
C ALA A 170 -14.41 -13.41 -10.22
N SER A 171 -13.39 -12.99 -9.50
CA SER A 171 -13.21 -13.36 -8.10
C SER A 171 -14.06 -12.48 -7.14
N PHE A 172 -14.81 -11.50 -7.68
CA PHE A 172 -15.65 -10.59 -6.91
C PHE A 172 -17.10 -10.75 -7.34
N THR A 173 -18.01 -10.34 -6.46
CA THR A 173 -19.43 -10.30 -6.75
C THR A 173 -19.98 -8.99 -6.17
N PRO A 174 -20.58 -8.12 -6.98
CA PRO A 174 -20.62 -8.17 -8.46
C PRO A 174 -19.21 -7.96 -9.04
N ARG A 175 -19.01 -8.30 -10.30
CA ARG A 175 -17.69 -8.19 -10.92
C ARG A 175 -17.36 -6.74 -11.26
N PRO A 176 -16.15 -6.29 -10.90
CA PRO A 176 -15.74 -4.94 -11.32
C PRO A 176 -15.43 -4.88 -12.82
N ALA A 177 -15.23 -3.67 -13.37
CA ALA A 177 -14.96 -3.51 -14.80
C ALA A 177 -13.53 -3.86 -15.19
N VAL A 178 -12.61 -3.87 -14.23
CA VAL A 178 -11.22 -4.22 -14.50
C VAL A 178 -10.77 -5.31 -13.50
N ASP A 179 -9.65 -5.95 -13.78
CA ASP A 179 -9.08 -6.94 -12.89
C ASP A 179 -8.44 -6.23 -11.68
N ALA A 180 -8.09 -7.02 -10.67
CA ALA A 180 -7.51 -6.55 -9.45
C ALA A 180 -6.10 -7.13 -9.20
N GLY A 181 -5.37 -6.55 -8.28
CA GLY A 181 -4.05 -7.02 -7.88
C GLY A 181 -3.96 -6.98 -6.36
N LEU A 182 -3.24 -7.92 -5.79
CA LEU A 182 -3.05 -7.97 -4.35
C LEU A 182 -1.68 -7.36 -4.10
N LEU A 183 -1.64 -6.22 -3.42
CA LEU A 183 -0.39 -5.50 -3.16
C LEU A 183 0.03 -5.59 -1.70
N THR A 184 1.32 -5.82 -1.43
CA THR A 184 1.83 -5.80 -0.07
C THR A 184 2.70 -4.53 0.05
N ILE A 185 2.64 -3.89 1.20
CA ILE A 185 3.48 -2.72 1.47
C ILE A 185 4.15 -2.96 2.83
N THR A 186 5.46 -2.72 2.93
CA THR A 186 6.14 -2.88 4.20
C THR A 186 6.85 -1.60 4.54
N ARG A 187 6.73 -1.18 5.79
CA ARG A 187 7.41 0.02 6.28
C ARG A 187 8.85 -0.33 6.55
N ARG A 188 9.79 0.43 5.96
CA ARG A 188 11.20 0.18 6.21
C ARG A 188 11.52 0.56 7.65
N SER A 189 12.22 -0.31 8.35
CA SER A 189 12.69 -0.05 9.71
C SER A 189 13.79 1.06 9.65
N ARG A 190 14.60 1.08 8.60
CA ARG A 190 15.61 2.11 8.40
C ARG A 190 15.28 2.90 7.14
N PRO A 191 14.59 4.03 7.28
CA PRO A 191 14.25 4.83 6.10
C PRO A 191 15.51 5.30 5.33
N LEU A 192 15.40 5.41 4.03
CA LEU A 192 16.52 5.85 3.18
C LEU A 192 16.68 7.37 3.20
N VAL A 193 15.63 8.11 3.57
CA VAL A 193 15.57 9.57 3.65
C VAL A 193 14.80 9.87 4.96
N ASP A 194 15.20 10.91 5.72
CA ASP A 194 14.48 11.23 6.96
C ASP A 194 13.08 11.68 6.64
N VAL A 195 12.09 11.24 7.44
CA VAL A 195 10.70 11.63 7.22
C VAL A 195 10.52 13.17 7.22
N ALA A 196 11.37 13.90 7.94
CA ALA A 196 11.30 15.38 7.97
C ALA A 196 11.57 16.01 6.60
N ASP A 197 12.32 15.31 5.74
CA ASP A 197 12.65 15.78 4.38
C ASP A 197 11.72 15.23 3.31
N ARG A 198 10.61 14.58 3.71
CA ARG A 198 9.68 14.01 2.74
C ARG A 198 9.19 14.95 1.68
N ALA A 199 8.70 16.16 2.03
CA ALA A 199 8.17 17.07 1.01
C ALA A 199 9.22 17.45 -0.05
N ARG A 200 10.41 17.80 0.40
CA ARG A 200 11.50 18.17 -0.51
C ARG A 200 11.90 16.98 -1.39
N TYR A 201 11.95 15.78 -0.77
CA TYR A 201 12.27 14.57 -1.53
C TYR A 201 11.20 14.33 -2.59
N GLN A 202 9.90 14.38 -2.20
CA GLN A 202 8.84 14.10 -3.19
C GLN A 202 8.79 15.12 -4.33
N ALA A 203 9.18 16.36 -4.05
CA ALA A 203 9.22 17.41 -5.07
C ALA A 203 10.36 17.15 -6.06
N LEU A 204 11.52 16.64 -5.59
CA LEU A 204 12.63 16.29 -6.46
C LEU A 204 12.19 15.17 -7.39
N VAL A 205 11.56 14.12 -6.82
CA VAL A 205 11.06 13.03 -7.66
C VAL A 205 10.06 13.53 -8.72
N HIS A 206 9.15 14.41 -8.32
CA HIS A 206 8.17 14.96 -9.27
C HIS A 206 8.88 15.71 -10.42
N ARG A 207 9.87 16.54 -10.07
CA ARG A 207 10.68 17.34 -11.00
C ARG A 207 11.41 16.47 -12.05
N VAL A 208 11.98 15.33 -11.65
CA VAL A 208 12.69 14.43 -12.56
C VAL A 208 11.73 13.68 -13.50
N PHE A 209 10.61 13.18 -12.97
CA PHE A 209 9.64 12.44 -13.78
C PHE A 209 8.93 13.32 -14.82
N THR A 210 8.77 14.60 -14.52
CA THR A 210 8.10 15.53 -15.43
C THR A 210 9.05 16.49 -16.20
N GLY A 211 10.34 16.43 -15.92
CA GLY A 211 11.32 17.30 -16.56
C GLY A 211 11.52 16.94 -18.01
N ARG A 212 11.86 17.94 -18.84
CA ARG A 212 12.11 17.71 -20.24
C ARG A 212 13.51 17.10 -20.44
N GLY A 213 13.69 16.41 -21.55
CA GLY A 213 14.95 15.76 -21.88
C GLY A 213 14.75 14.31 -22.22
N HIS A 214 15.73 13.74 -22.95
CA HIS A 214 15.69 12.35 -23.35
C HIS A 214 16.79 11.60 -22.59
N GLY A 215 16.40 10.87 -21.55
CA GLY A 215 17.35 10.16 -20.71
C GLY A 215 17.76 10.97 -19.48
N MET A 216 18.19 10.27 -18.42
CA MET A 216 18.58 10.88 -17.17
C MET A 216 19.63 11.98 -17.32
N ALA A 217 20.65 11.77 -18.17
CA ALA A 217 21.68 12.78 -18.38
C ALA A 217 21.08 14.11 -18.88
N GLN A 218 20.20 14.05 -19.87
CA GLN A 218 19.55 15.25 -20.38
C GLN A 218 18.60 15.89 -19.39
N ILE A 219 17.84 15.08 -18.62
CA ILE A 219 16.90 15.58 -17.62
C ILE A 219 17.62 16.29 -16.48
N LEU A 220 18.70 15.70 -15.96
CA LEU A 220 19.44 16.28 -14.84
C LEU A 220 20.20 17.58 -15.18
N GLN A 221 20.47 17.81 -16.47
CA GLN A 221 21.15 19.03 -16.91
C GLN A 221 20.21 20.22 -16.86
N ARG A 222 18.94 20.00 -17.25
CA ARG A 222 17.91 21.04 -17.35
C ARG A 222 17.14 21.30 -16.05
N LEU A 223 17.64 20.81 -14.90
CA LEU A 223 16.97 21.01 -13.63
C LEU A 223 17.64 22.08 -12.75
N PRO A 224 16.87 22.74 -11.86
CA PRO A 224 17.47 23.76 -11.00
C PRO A 224 18.04 23.16 -9.71
N THR A 225 18.96 22.20 -9.85
CA THR A 225 19.60 21.54 -8.71
C THR A 225 21.05 21.15 -9.02
N VAL A 227 23.88 18.83 -10.47
CA VAL A 227 24.49 17.49 -10.34
C VAL A 227 25.78 17.40 -11.18
N PRO A 228 26.89 16.94 -10.55
CA PRO A 228 28.15 16.82 -11.29
C PRO A 228 28.05 15.94 -12.51
N ARG A 229 28.87 16.25 -13.52
CA ARG A 229 28.90 15.49 -14.77
C ARG A 229 29.23 14.00 -14.54
N THR A 230 30.00 13.70 -13.50
CA THR A 230 30.37 12.33 -13.20
C THR A 230 29.36 11.57 -12.30
N TRP A 231 28.36 12.26 -11.77
CA TRP A 231 27.44 11.68 -10.80
C TRP A 231 26.66 10.45 -11.31
N LEU A 232 26.01 10.52 -12.48
CA LEU A 232 25.19 9.40 -12.96
C LEU A 232 25.95 8.09 -13.06
N ARG A 233 27.04 8.05 -13.85
CA ARG A 233 27.81 6.81 -14.01
C ARG A 233 28.44 6.38 -12.72
N ALA A 234 28.87 7.34 -11.85
CA ALA A 234 29.43 6.95 -10.54
C ALA A 234 28.40 6.22 -9.68
N ASN A 235 27.10 6.48 -9.92
CA ASN A 235 26.04 5.82 -9.17
C ASN A 235 25.39 4.65 -9.91
N GLY A 236 26.04 4.18 -10.98
CA GLY A 236 25.56 3.03 -11.74
C GLY A 236 24.40 3.34 -12.67
N ILE A 237 24.21 4.61 -13.02
CA ILE A 237 23.09 4.98 -13.88
C ILE A 237 23.54 5.24 -15.30
N ALA A 238 22.96 4.51 -16.26
CA ALA A 238 23.28 4.70 -17.65
C ALA A 238 22.76 6.05 -18.09
N PRO A 239 23.57 6.83 -18.81
CA PRO A 239 23.13 8.17 -19.22
C PRO A 239 21.81 8.21 -20.01
N ASN A 240 21.47 7.13 -20.72
CA ASN A 240 20.23 7.06 -21.49
C ASN A 240 19.03 6.53 -20.69
N SER A 241 19.24 6.12 -19.43
CA SER A 241 18.17 5.51 -18.66
C SER A 241 16.99 6.44 -18.41
N LEU A 242 15.84 5.85 -18.18
CA LEU A 242 14.63 6.61 -17.91
C LEU A 242 14.43 6.72 -16.39
N PRO A 243 13.74 7.76 -15.92
CA PRO A 243 13.44 7.87 -14.47
C PRO A 243 12.80 6.61 -13.86
N ARG A 244 11.94 5.90 -14.62
CA ARG A 244 11.30 4.66 -14.16
C ARG A 244 12.30 3.53 -13.90
N GLN A 245 13.53 3.64 -14.40
CA GLN A 245 14.55 2.60 -14.21
C GLN A 245 15.42 2.80 -12.96
N LEU A 246 15.32 3.96 -12.28
CA LEU A 246 16.15 4.18 -11.08
C LEU A 246 15.64 3.33 -9.90
N SER A 247 16.55 2.88 -9.06
CA SER A 247 16.20 2.12 -7.84
C SER A 247 15.91 3.09 -6.71
N ALA A 248 15.39 2.59 -5.60
CA ALA A 248 15.16 3.41 -4.41
C ALA A 248 16.50 4.00 -3.90
N ALA A 249 17.57 3.20 -3.92
CA ALA A 249 18.87 3.70 -3.42
C ALA A 249 19.42 4.82 -4.30
N GLN A 250 19.15 4.78 -5.61
CA GLN A 250 19.61 5.79 -6.53
C GLN A 250 18.84 7.11 -6.33
N TRP A 251 17.53 7.00 -6.07
CA TRP A 251 16.74 8.21 -5.78
C TRP A 251 17.20 8.83 -4.47
N ALA A 252 17.47 8.01 -3.45
CA ALA A 252 17.92 8.54 -2.17
C ALA A 252 19.30 9.25 -2.33
N ALA A 253 20.17 8.68 -3.18
CA ALA A 253 21.51 9.26 -3.46
C ALA A 253 21.37 10.57 -4.23
N LEU A 254 20.42 10.65 -5.17
CA LEU A 254 20.16 11.87 -5.91
C LEU A 254 19.68 12.97 -4.96
N PHE A 255 18.81 12.60 -4.02
CA PHE A 255 18.31 13.54 -3.02
C PHE A 255 19.46 14.04 -2.14
N GLU A 256 20.33 13.14 -1.68
CA GLU A 256 21.48 13.54 -0.88
C GLU A 256 22.40 14.50 -1.64
N GLN A 257 22.52 14.32 -2.95
CA GLN A 257 23.35 15.13 -3.84
C GLN A 257 22.77 16.51 -4.06
N THR A 258 21.43 16.62 -4.25
CA THR A 258 20.79 17.90 -4.55
C THR A 258 20.11 18.63 -3.38
N ARG A 259 20.06 18.05 -2.19
CA ARG A 259 19.37 18.70 -1.06
C ARG A 259 20.10 19.94 -0.54
#